data_8I7P
#
_entry.id   8I7P
#
_cell.length_a   67.803
_cell.length_b   67.803
_cell.length_c   141.380
_cell.angle_alpha   90.00
_cell.angle_beta   90.00
_cell.angle_gamma   90.00
#
_symmetry.space_group_name_H-M   'P 41 21 2'
#
loop_
_entity.id
_entity.type
_entity.pdbx_description
1 polymer 'Ricin A chain'
2 polymer 6-(2-ethyl-4-hydroxyphenyl)-1H-indazole-3-carboxamide
3 non-polymer 'SULFATE ION'
4 water water
#
loop_
_entity_poly.entity_id
_entity_poly.type
_entity_poly.pdbx_seq_one_letter_code
_entity_poly.pdbx_strand_id
1 'polypeptide(L)'
;MHHHHHHIFPKQYPIINFTTAGATVQSYTNFIRAVRGRLTTGADVRHEIPVLPNRVGLPINQRFILVELSNHAELSVTLA
LDVTNAYVVGYRAGNSAYFFHPDNQEDAEAITHLFTDVQNRYTFAFGGNYDRLEQLAGNLRENIELGNGPLEEAISALYY
YSTGGTQLPTLARSFIICIQMISEAARFQYIEGEMRTRIRYNRRSAPDPSVITLENSWGRLSTAIQESNQGAFASPIQLQ
RRNGSKFSVYDVSILIPIIALMVYRCAPPPSSQF
;
A
2 'polypeptide(L)' (OV9)GY B
#
# COMPACT_ATOMS: atom_id res chain seq x y z
N GLN A 12 -16.33 -5.15 12.66
CA GLN A 12 -15.85 -6.56 12.65
C GLN A 12 -14.59 -6.75 11.79
N TYR A 13 -14.25 -5.76 10.96
CA TYR A 13 -13.00 -5.80 10.19
C TYR A 13 -11.79 -5.75 11.12
N PRO A 14 -10.76 -6.59 10.85
CA PRO A 14 -9.57 -6.66 11.69
C PRO A 14 -8.79 -5.35 11.70
N ILE A 15 -8.23 -5.02 12.86
CA ILE A 15 -7.43 -3.81 13.04
C ILE A 15 -5.99 -4.21 13.36
N ILE A 16 -5.05 -3.56 12.67
CA ILE A 16 -3.63 -3.67 12.94
C ILE A 16 -3.12 -2.29 13.37
N ASN A 17 -2.44 -2.25 14.51
CA ASN A 17 -1.90 -1.02 15.07
C ASN A 17 -0.42 -0.82 14.77
N PHE A 18 -0.04 0.40 14.42
CA PHE A 18 1.36 0.79 14.34
C PHE A 18 1.52 2.22 14.83
N THR A 19 2.63 2.46 15.52
CA THR A 19 3.00 3.82 15.88
C THR A 19 4.40 4.18 15.41
N THR A 20 4.54 5.42 14.93
CA THR A 20 5.83 5.99 14.58
C THR A 20 6.62 6.39 15.85
N ALA A 21 5.90 6.55 16.95
CA ALA A 21 6.50 6.90 18.24
C ALA A 21 7.43 5.79 18.71
N GLY A 22 8.73 6.09 18.71
CA GLY A 22 9.76 5.12 19.08
C GLY A 22 9.83 3.89 18.17
N ALA A 23 9.43 4.06 16.91
CA ALA A 23 9.46 2.94 15.96
C ALA A 23 10.87 2.42 15.78
N THR A 24 10.97 1.10 15.69
CA THR A 24 12.23 0.40 15.44
C THR A 24 12.04 -0.53 14.24
N VAL A 25 13.16 -1.06 13.75
CA VAL A 25 13.13 -2.08 12.69
C VAL A 25 12.19 -3.22 13.08
N GLN A 26 12.33 -3.72 14.31
CA GLN A 26 11.51 -4.82 14.79
C GLN A 26 10.02 -4.48 14.86
N SER A 27 9.67 -3.30 15.37
CA SER A 27 8.25 -2.95 15.50
C SER A 27 7.59 -2.75 14.14
N TYR A 28 8.34 -2.19 13.20
CA TYR A 28 7.86 -2.05 11.82
C TYR A 28 7.73 -3.42 11.13
N THR A 29 8.72 -4.29 11.33
CA THR A 29 8.68 -5.65 10.78
C THR A 29 7.45 -6.41 11.31
N ASN A 30 7.20 -6.31 12.61
CA ASN A 30 6.01 -6.93 13.22
C ASN A 30 4.73 -6.43 12.58
N PHE A 31 4.68 -5.13 12.32
CA PHE A 31 3.51 -4.46 11.74
C PHE A 31 3.25 -4.97 10.33
N ILE A 32 4.26 -4.93 9.47
CA ILE A 32 4.09 -5.38 8.07
C ILE A 32 3.73 -6.87 8.00
N ARG A 33 4.37 -7.69 8.82
CA ARG A 33 4.03 -9.11 8.96
C ARG A 33 2.53 -9.30 9.30
N ALA A 34 2.05 -8.51 10.27
CA ALA A 34 0.65 -8.57 10.70
C ALA A 34 -0.32 -8.14 9.60
N VAL A 35 0.04 -7.09 8.86
CA VAL A 35 -0.76 -6.63 7.72
C VAL A 35 -0.89 -7.74 6.66
N ARG A 36 0.25 -8.33 6.28
CA ARG A 36 0.24 -9.44 5.32
C ARG A 36 -0.64 -10.60 5.77
N GLY A 37 -0.57 -10.91 7.07
CA GLY A 37 -1.35 -11.98 7.67
C GLY A 37 -2.85 -11.76 7.59
N ARG A 38 -3.27 -10.50 7.66
CA ARG A 38 -4.69 -10.14 7.56
C ARG A 38 -5.15 -9.94 6.11
N LEU A 39 -4.20 -9.69 5.21
CA LEU A 39 -4.51 -9.53 3.79
C LEU A 39 -4.74 -10.85 3.08
N THR A 40 -3.87 -11.84 3.36
CA THR A 40 -3.94 -13.15 2.71
C THR A 40 -4.41 -14.25 3.64
N THR A 41 -5.14 -15.20 3.06
CA THR A 41 -5.36 -16.51 3.66
C THR A 41 -4.18 -17.40 3.23
N GLY A 42 -4.23 -18.68 3.54
CA GLY A 42 -3.26 -19.63 3.01
C GLY A 42 -3.77 -20.31 1.74
N ALA A 43 -4.91 -19.85 1.25
CA ALA A 43 -5.64 -20.52 0.15
C ALA A 43 -4.92 -20.52 -1.18
N ASP A 44 -4.15 -19.48 -1.46
CA ASP A 44 -3.60 -19.26 -2.79
C ASP A 44 -2.12 -18.90 -2.74
N VAL A 45 -1.27 -19.88 -3.05
CA VAL A 45 0.18 -19.70 -3.07
C VAL A 45 0.70 -20.28 -4.38
N ARG A 46 1.41 -19.46 -5.15
CA ARG A 46 1.90 -19.90 -6.45
C ARG A 46 3.37 -19.56 -6.63
N HIS A 47 4.15 -20.59 -6.91
CA HIS A 47 5.62 -20.51 -6.97
C HIS A 47 6.19 -19.87 -5.70
N GLU A 48 5.64 -20.29 -4.56
CA GLU A 48 6.02 -19.84 -3.20
C GLU A 48 5.56 -18.43 -2.84
N ILE A 49 4.82 -17.78 -3.75
CA ILE A 49 4.33 -16.41 -3.52
C ILE A 49 2.81 -16.40 -3.30
N PRO A 50 2.37 -15.89 -2.13
CA PRO A 50 0.94 -15.77 -1.83
C PRO A 50 0.20 -14.81 -2.76
N VAL A 51 -1.05 -15.16 -3.05
CA VAL A 51 -1.93 -14.34 -3.86
C VAL A 51 -3.06 -13.83 -2.96
N LEU A 52 -3.40 -12.56 -3.13
CA LEU A 52 -4.51 -11.93 -2.43
C LEU A 52 -5.86 -12.53 -2.86
N PRO A 53 -6.91 -12.41 -2.01
CA PRO A 53 -8.23 -12.95 -2.36
C PRO A 53 -8.75 -12.42 -3.70
N ASN A 54 -9.40 -13.29 -4.45
CA ASN A 54 -10.12 -12.89 -5.64
C ASN A 54 -11.32 -12.02 -5.24
N ARG A 55 -11.44 -10.87 -5.92
CA ARG A 55 -12.57 -9.94 -5.76
C ARG A 55 -13.92 -10.62 -6.02
N VAL A 56 -13.93 -11.52 -7.00
CA VAL A 56 -15.16 -12.20 -7.47
C VAL A 56 -15.69 -13.17 -6.41
N GLY A 57 -16.88 -12.88 -5.92
CA GLY A 57 -17.55 -13.69 -4.91
C GLY A 57 -17.03 -13.50 -3.49
N LEU A 58 -16.17 -12.51 -3.27
CA LEU A 58 -15.65 -12.22 -1.94
C LEU A 58 -16.72 -11.53 -1.09
N PRO A 59 -17.10 -12.16 0.04
CA PRO A 59 -18.13 -11.56 0.91
C PRO A 59 -17.67 -10.24 1.50
N ILE A 60 -18.62 -9.32 1.64
CA ILE A 60 -18.32 -7.96 2.14
C ILE A 60 -17.69 -7.94 3.54
N ASN A 61 -18.05 -8.91 4.39
CA ASN A 61 -17.51 -9.01 5.75
C ASN A 61 -16.02 -9.40 5.82
N GLN A 62 -15.46 -9.74 4.65
CA GLN A 62 -14.05 -10.13 4.52
C GLN A 62 -13.27 -9.20 3.60
N ARG A 63 -13.88 -8.07 3.22
CA ARG A 63 -13.36 -7.22 2.14
C ARG A 63 -12.25 -6.25 2.56
N PHE A 64 -12.27 -5.83 3.82
CA PHE A 64 -11.38 -4.77 4.29
C PHE A 64 -10.60 -5.14 5.56
N ILE A 65 -9.44 -4.50 5.70
CA ILE A 65 -8.71 -4.45 6.97
C ILE A 65 -8.45 -2.99 7.34
N LEU A 66 -8.24 -2.76 8.63
CA LEU A 66 -8.03 -1.41 9.15
C LEU A 66 -6.64 -1.30 9.75
N VAL A 67 -5.96 -0.22 9.39
CA VAL A 67 -4.61 0.05 9.89
C VAL A 67 -4.70 1.32 10.72
N GLU A 68 -4.58 1.16 12.04
CA GLU A 68 -4.64 2.30 12.94
C GLU A 68 -3.25 2.83 13.21
N LEU A 69 -2.98 4.03 12.69
CA LEU A 69 -1.69 4.67 12.83
C LEU A 69 -1.72 5.71 13.94
N SER A 70 -0.76 5.59 14.84
CA SER A 70 -0.56 6.57 15.89
C SER A 70 0.81 7.21 15.72
N ASN A 71 0.99 8.40 16.30
CA ASN A 71 2.28 9.06 16.23
C ASN A 71 2.75 9.63 17.58
N HIS A 72 3.97 10.18 17.62
CA HIS A 72 4.51 10.78 18.84
C HIS A 72 3.69 11.99 19.31
N ALA A 73 3.03 12.66 18.37
CA ALA A 73 2.13 13.79 18.64
C ALA A 73 0.80 13.39 19.31
N GLU A 74 0.65 12.11 19.65
CA GLU A 74 -0.56 11.54 20.29
C GLU A 74 -1.82 11.70 19.43
N LEU A 75 -1.64 11.58 18.12
CA LEU A 75 -2.73 11.62 17.17
C LEU A 75 -2.86 10.26 16.52
N SER A 76 -4.09 9.93 16.13
CA SER A 76 -4.38 8.68 15.45
C SER A 76 -5.25 8.88 14.22
N VAL A 77 -4.94 8.10 13.18
CA VAL A 77 -5.78 7.97 12.00
C VAL A 77 -5.95 6.48 11.69
N THR A 78 -7.05 6.11 11.04
CA THR A 78 -7.27 4.74 10.63
C THR A 78 -7.43 4.65 9.12
N LEU A 79 -6.51 3.93 8.49
CA LEU A 79 -6.58 3.68 7.06
C LEU A 79 -7.40 2.42 6.81
N ALA A 80 -8.20 2.44 5.75
CA ALA A 80 -8.92 1.27 5.29
C ALA A 80 -8.25 0.72 4.04
N LEU A 81 -7.91 -0.57 4.11
CA LEU A 81 -7.28 -1.27 2.99
C LEU A 81 -8.18 -2.35 2.44
N ASP A 82 -8.28 -2.38 1.11
CA ASP A 82 -9.01 -3.40 0.37
C ASP A 82 -8.11 -4.64 0.30
N VAL A 83 -8.63 -5.79 0.78
CA VAL A 83 -7.83 -7.02 0.85
C VAL A 83 -7.45 -7.59 -0.52
N THR A 84 -8.22 -7.25 -1.57
CA THR A 84 -7.99 -7.78 -2.91
C THR A 84 -6.74 -7.21 -3.56
N ASN A 85 -6.30 -6.03 -3.11
CA ASN A 85 -5.16 -5.36 -3.74
C ASN A 85 -4.27 -4.57 -2.79
N ALA A 86 -4.60 -4.60 -1.49
CA ALA A 86 -3.91 -3.82 -0.44
C ALA A 86 -4.06 -2.30 -0.61
N TYR A 87 -5.03 -1.90 -1.44
CA TYR A 87 -5.24 -0.49 -1.80
C TYR A 87 -5.81 0.31 -0.61
N VAL A 88 -5.24 1.48 -0.36
CA VAL A 88 -5.79 2.39 0.65
C VAL A 88 -6.99 3.09 0.03
N VAL A 89 -8.19 2.76 0.52
CA VAL A 89 -9.43 3.27 -0.08
C VAL A 89 -9.96 4.52 0.61
N GLY A 90 -9.48 4.77 1.81
CA GLY A 90 -9.89 5.94 2.58
C GLY A 90 -9.32 5.92 3.98
N TYR A 91 -9.72 6.91 4.77
CA TYR A 91 -9.27 7.00 6.17
C TYR A 91 -10.29 7.67 7.07
N ARG A 92 -10.14 7.39 8.37
CA ARG A 92 -10.92 8.05 9.43
C ARG A 92 -9.99 8.83 10.35
N ALA A 93 -10.38 10.06 10.65
CA ALA A 93 -9.75 10.84 11.71
C ALA A 93 -10.84 11.46 12.57
N GLY A 94 -10.98 10.93 13.78
CA GLY A 94 -11.99 11.39 14.75
C GLY A 94 -13.40 11.27 14.20
N ASN A 95 -14.05 12.41 14.04
CA ASN A 95 -15.46 12.49 13.63
C ASN A 95 -15.72 12.47 12.11
N SER A 96 -14.66 12.37 11.31
CA SER A 96 -14.76 12.42 9.85
C SER A 96 -14.04 11.27 9.15
N ALA A 97 -14.68 10.76 8.10
CA ALA A 97 -14.06 9.79 7.20
C ALA A 97 -14.03 10.30 5.76
N TYR A 98 -12.96 9.95 5.05
CA TYR A 98 -12.74 10.40 3.69
C TYR A 98 -12.38 9.22 2.80
N PHE A 99 -13.06 9.11 1.67
CA PHE A 99 -12.81 8.02 0.72
C PHE A 99 -12.43 8.56 -0.65
N PHE A 100 -11.47 7.90 -1.31
CA PHE A 100 -11.14 8.20 -2.70
C PHE A 100 -12.32 7.87 -3.60
N HIS A 101 -12.43 8.58 -4.72
CA HIS A 101 -13.49 8.34 -5.70
C HIS A 101 -13.42 6.89 -6.21
N PRO A 102 -14.50 6.10 -5.98
CA PRO A 102 -14.49 4.69 -6.37
C PRO A 102 -14.48 4.47 -7.89
N ASP A 103 -13.85 3.36 -8.30
CA ASP A 103 -13.69 3.00 -9.71
C ASP A 103 -14.99 2.56 -10.38
N ASN A 104 -15.89 2.01 -9.57
CA ASN A 104 -17.15 1.40 -10.04
C ASN A 104 -18.22 1.39 -8.95
N GLN A 105 -19.44 0.99 -9.34
CA GLN A 105 -20.59 0.93 -8.43
C GLN A 105 -20.39 -0.07 -7.29
N GLU A 106 -19.77 -1.22 -7.60
CA GLU A 106 -19.45 -2.25 -6.63
C GLU A 106 -18.56 -1.72 -5.49
N ASP A 107 -17.51 -0.99 -5.85
CA ASP A 107 -16.60 -0.39 -4.86
C ASP A 107 -17.26 0.72 -4.03
N ALA A 108 -18.08 1.54 -4.68
CA ALA A 108 -18.87 2.57 -4.00
C ALA A 108 -19.80 1.97 -2.94
N GLU A 109 -20.46 0.84 -3.25
CA GLU A 109 -21.28 0.14 -2.27
C GLU A 109 -20.41 -0.41 -1.14
N ALA A 110 -19.28 -1.01 -1.50
CA ALA A 110 -18.37 -1.65 -0.55
C ALA A 110 -17.90 -0.70 0.56
N ILE A 111 -17.55 0.53 0.18
CA ILE A 111 -17.04 1.53 1.15
C ILE A 111 -18.09 2.07 2.14
N THR A 112 -19.37 1.89 1.83
CA THR A 112 -20.45 2.21 2.78
C THR A 112 -20.44 1.30 4.01
N HIS A 113 -19.71 0.19 3.92
CA HIS A 113 -19.54 -0.75 5.02
C HIS A 113 -18.39 -0.36 5.97
N LEU A 114 -17.66 0.70 5.61
CA LEU A 114 -16.55 1.20 6.40
C LEU A 114 -16.89 2.44 7.21
N PHE A 115 -16.39 2.47 8.44
CA PHE A 115 -16.55 3.59 9.40
C PHE A 115 -18.01 4.02 9.49
N THR A 116 -18.88 3.04 9.78
CA THR A 116 -20.34 3.25 9.72
C THR A 116 -20.89 4.15 10.84
N ASP A 117 -20.15 4.28 11.93
CA ASP A 117 -20.57 5.11 13.06
C ASP A 117 -19.92 6.50 13.09
N VAL A 118 -19.23 6.85 12.00
CA VAL A 118 -18.58 8.16 11.86
C VAL A 118 -19.63 9.25 11.57
N GLN A 119 -19.43 10.43 12.16
CA GLN A 119 -20.37 11.55 12.06
C GLN A 119 -20.46 12.14 10.65
N ASN A 120 -19.30 12.32 10.02
CA ASN A 120 -19.19 12.98 8.72
C ASN A 120 -18.50 12.08 7.68
N ARG A 121 -19.23 11.77 6.61
CA ARG A 121 -18.71 10.94 5.51
C ARG A 121 -18.48 11.78 4.26
N TYR A 122 -17.26 11.72 3.73
CA TYR A 122 -16.95 12.40 2.48
C TYR A 122 -16.31 11.44 1.48
N THR A 123 -16.72 11.59 0.22
CA THR A 123 -16.02 10.97 -0.88
C THR A 123 -15.36 12.08 -1.68
N PHE A 124 -14.04 11.99 -1.80
CA PHE A 124 -13.26 12.87 -2.67
C PHE A 124 -13.73 12.73 -4.11
N ALA A 125 -13.72 13.83 -4.84
CA ALA A 125 -14.04 13.80 -6.27
C ALA A 125 -12.92 13.21 -7.12
N PHE A 126 -11.74 13.02 -6.52
CA PHE A 126 -10.57 12.46 -7.18
C PHE A 126 -10.28 11.02 -6.75
N GLY A 127 -9.70 10.25 -7.67
CA GLY A 127 -9.25 8.89 -7.40
C GLY A 127 -7.96 8.88 -6.59
N GLY A 128 -7.63 7.72 -6.04
CA GLY A 128 -6.47 7.57 -5.15
C GLY A 128 -5.17 7.05 -5.74
N ASN A 129 -5.13 6.90 -7.06
CA ASN A 129 -3.91 6.43 -7.74
CA ASN A 129 -3.93 6.45 -7.77
C ASN A 129 -2.77 7.44 -7.63
N TYR A 130 -1.53 6.94 -7.77
CA TYR A 130 -0.34 7.80 -7.67
C TYR A 130 -0.38 9.00 -8.62
N ASP A 131 -0.76 8.75 -9.88
CA ASP A 131 -0.85 9.80 -10.91
C ASP A 131 -1.63 11.02 -10.40
N ARG A 132 -2.84 10.76 -9.91
CA ARG A 132 -3.72 11.80 -9.38
C ARG A 132 -3.15 12.45 -8.10
N LEU A 133 -2.60 11.64 -7.22
CA LEU A 133 -2.06 12.15 -5.96
C LEU A 133 -0.81 13.00 -6.15
N GLU A 134 0.04 12.60 -7.11
CA GLU A 134 1.24 13.35 -7.48
C GLU A 134 0.89 14.71 -8.09
N GLN A 135 -0.15 14.72 -8.94
CA GLN A 135 -0.69 15.95 -9.53
C GLN A 135 -1.11 16.93 -8.43
N LEU A 136 -1.90 16.43 -7.48
CA LEU A 136 -2.39 17.22 -6.36
C LEU A 136 -1.28 17.68 -5.42
N ALA A 137 -0.32 16.80 -5.15
CA ALA A 137 0.84 17.11 -4.29
C ALA A 137 1.80 18.13 -4.89
N GLY A 138 1.82 18.21 -6.23
CA GLY A 138 2.80 19.03 -6.94
C GLY A 138 4.20 18.44 -6.91
N ASN A 139 4.29 17.16 -6.57
CA ASN A 139 5.55 16.41 -6.55
C ASN A 139 5.35 14.97 -6.96
N LEU A 140 6.36 14.41 -7.62
CA LEU A 140 6.37 12.98 -7.96
C LEU A 140 6.89 12.17 -6.78
N ARG A 141 6.58 10.87 -6.78
CA ARG A 141 7.12 9.94 -5.79
C ARG A 141 8.64 10.03 -5.63
N GLU A 142 9.36 10.19 -6.75
CA GLU A 142 10.83 10.28 -6.73
C GLU A 142 11.39 11.46 -5.94
N ASN A 143 10.52 12.42 -5.60
CA ASN A 143 10.92 13.61 -4.84
C ASN A 143 10.26 13.76 -3.47
N ILE A 144 9.51 12.73 -3.06
CA ILE A 144 8.82 12.74 -1.76
C ILE A 144 9.56 11.81 -0.81
N GLU A 145 10.09 12.38 0.27
CA GLU A 145 10.91 11.63 1.22
C GLU A 145 10.06 10.65 2.03
N LEU A 146 10.62 9.47 2.26
CA LEU A 146 9.97 8.42 3.06
C LEU A 146 10.84 8.08 4.25
N GLY A 147 10.21 7.54 5.29
CA GLY A 147 10.90 7.21 6.53
C GLY A 147 9.97 7.44 7.70
N ASN A 148 10.47 7.22 8.90
CA ASN A 148 9.66 7.37 10.10
C ASN A 148 9.20 8.81 10.34
N GLY A 149 10.10 9.76 10.08
CA GLY A 149 9.79 11.19 10.16
C GLY A 149 8.66 11.60 9.22
N PRO A 150 8.80 11.31 7.90
CA PRO A 150 7.70 11.56 6.97
C PRO A 150 6.38 10.92 7.40
N LEU A 151 6.43 9.69 7.91
CA LEU A 151 5.21 8.99 8.33
C LEU A 151 4.56 9.65 9.56
N GLU A 152 5.38 10.00 10.55
CA GLU A 152 4.96 10.79 11.72
C GLU A 152 4.20 12.05 11.29
N GLU A 153 4.80 12.78 10.35
CA GLU A 153 4.26 14.02 9.82
C GLU A 153 2.99 13.78 9.00
N ALA A 154 2.97 12.68 8.25
CA ALA A 154 1.81 12.31 7.44
C ALA A 154 0.58 12.02 8.29
N ILE A 155 0.77 11.33 9.42
CA ILE A 155 -0.31 11.01 10.36
C ILE A 155 -0.94 12.31 10.89
N SER A 156 -0.10 13.25 11.32
CA SER A 156 -0.57 14.57 11.74
C SER A 156 -1.36 15.31 10.65
N ALA A 157 -0.84 15.29 9.42
CA ALA A 157 -1.46 15.99 8.28
C ALA A 157 -2.83 15.41 7.95
N LEU A 158 -2.94 14.08 7.95
CA LEU A 158 -4.23 13.42 7.75
C LEU A 158 -5.22 13.76 8.85
N TYR A 159 -4.72 13.79 10.10
CA TYR A 159 -5.57 14.09 11.26
C TYR A 159 -6.19 15.49 11.18
N TYR A 160 -5.39 16.48 10.76
CA TYR A 160 -5.82 17.89 10.77
C TYR A 160 -6.55 18.37 9.51
N TYR A 161 -6.76 17.49 8.53
CA TYR A 161 -7.38 17.89 7.26
C TYR A 161 -8.79 18.49 7.40
N SER A 162 -9.62 17.87 8.22
CA SER A 162 -11.03 18.24 8.37
C SER A 162 -11.24 19.64 8.96
N THR A 163 -10.27 20.11 9.76
CA THR A 163 -10.33 21.40 10.41
C THR A 163 -9.67 22.53 9.60
N GLY A 164 -9.12 22.18 8.44
CA GLY A 164 -8.52 23.14 7.53
C GLY A 164 -7.04 23.43 7.74
N GLY A 165 -6.42 22.71 8.67
CA GLY A 165 -4.99 22.85 8.97
C GLY A 165 -4.07 22.31 7.89
N THR A 166 -4.58 21.38 7.10
CA THR A 166 -3.80 20.71 6.06
C THR A 166 -4.28 21.10 4.66
N GLN A 167 -3.36 21.66 3.87
CA GLN A 167 -3.63 21.98 2.47
C GLN A 167 -3.70 20.70 1.64
N LEU A 168 -4.46 20.75 0.54
CA LEU A 168 -4.62 19.59 -0.35
C LEU A 168 -3.30 18.97 -0.86
N PRO A 169 -2.32 19.79 -1.30
CA PRO A 169 -1.02 19.21 -1.69
C PRO A 169 -0.33 18.41 -0.57
N THR A 170 -0.41 18.92 0.66
CA THR A 170 0.15 18.25 1.84
C THR A 170 -0.59 16.96 2.15
N LEU A 171 -1.92 16.98 2.04
CA LEU A 171 -2.75 15.78 2.20
C LEU A 171 -2.36 14.70 1.18
N ALA A 172 -2.24 15.09 -0.09
CA ALA A 172 -1.85 14.18 -1.18
C ALA A 172 -0.47 13.57 -0.95
N ARG A 173 0.50 14.42 -0.58
CA ARG A 173 1.86 14.01 -0.23
CA ARG A 173 1.85 13.98 -0.26
C ARG A 173 1.83 12.98 0.89
N SER A 174 1.00 13.26 1.90
CA SER A 174 0.85 12.42 3.07
C SER A 174 0.24 11.05 2.73
N PHE A 175 -0.72 11.01 1.81
CA PHE A 175 -1.24 9.74 1.29
C PHE A 175 -0.14 8.94 0.60
N ILE A 176 0.63 9.60 -0.26
CA ILE A 176 1.74 8.99 -1.00
C ILE A 176 2.73 8.33 -0.03
N ILE A 177 3.02 9.00 1.09
CA ILE A 177 3.89 8.45 2.13
C ILE A 177 3.27 7.18 2.74
N CYS A 178 2.04 7.27 3.20
CA CYS A 178 1.34 6.15 3.85
C CYS A 178 1.23 4.93 2.95
N ILE A 179 0.83 5.16 1.71
CA ILE A 179 0.64 4.08 0.75
C ILE A 179 1.93 3.29 0.54
N GLN A 180 3.05 3.99 0.36
CA GLN A 180 4.30 3.31 0.10
C GLN A 180 4.85 2.58 1.33
N MET A 181 4.69 3.20 2.49
CA MET A 181 5.26 2.63 3.72
C MET A 181 4.41 1.50 4.30
N ILE A 182 3.17 1.39 3.83
CA ILE A 182 2.25 0.35 4.32
C ILE A 182 1.90 -0.62 3.19
N SER A 183 1.15 -0.17 2.19
CA SER A 183 0.71 -1.04 1.11
C SER A 183 1.85 -1.60 0.25
N GLU A 184 2.76 -0.73 -0.19
CA GLU A 184 3.87 -1.20 -1.02
C GLU A 184 4.83 -2.09 -0.26
N ALA A 185 5.06 -1.76 1.02
CA ALA A 185 5.88 -2.60 1.90
C ALA A 185 5.24 -3.98 2.13
N ALA A 186 3.91 -4.02 2.24
CA ALA A 186 3.19 -5.28 2.34
C ALA A 186 3.34 -6.13 1.07
N ARG A 187 3.25 -5.47 -0.10
CA ARG A 187 3.36 -6.15 -1.40
C ARG A 187 4.76 -6.68 -1.69
N PHE A 188 5.79 -5.93 -1.29
CA PHE A 188 7.17 -6.23 -1.67
C PHE A 188 8.09 -6.29 -0.45
N GLN A 189 8.67 -7.47 -0.18
CA GLN A 189 9.70 -7.56 0.89
CA GLN A 189 9.71 -7.61 0.84
C GLN A 189 10.82 -6.59 0.62
N TYR A 190 11.15 -6.38 -0.66
CA TYR A 190 12.20 -5.43 -1.04
C TYR A 190 11.92 -4.01 -0.53
N ILE A 191 10.67 -3.56 -0.71
CA ILE A 191 10.27 -2.23 -0.28
C ILE A 191 10.20 -2.16 1.24
N GLU A 192 9.69 -3.21 1.87
CA GLU A 192 9.76 -3.32 3.33
C GLU A 192 11.19 -3.16 3.83
N GLY A 193 12.13 -3.85 3.18
CA GLY A 193 13.57 -3.75 3.50
C GLY A 193 14.11 -2.33 3.41
N GLU A 194 13.73 -1.63 2.35
CA GLU A 194 14.10 -0.23 2.15
C GLU A 194 13.57 0.68 3.27
N MET A 195 12.36 0.41 3.74
CA MET A 195 11.79 1.16 4.85
C MET A 195 12.45 0.82 6.18
N ARG A 196 12.76 -0.46 6.39
CA ARG A 196 13.48 -0.92 7.58
C ARG A 196 14.81 -0.19 7.73
N THR A 197 15.55 -0.06 6.60
CA THR A 197 16.82 0.66 6.58
C THR A 197 16.67 2.13 7.00
N ARG A 198 15.67 2.82 6.44
CA ARG A 198 15.39 4.21 6.80
C ARG A 198 15.11 4.34 8.30
N ILE A 199 14.36 3.39 8.85
CA ILE A 199 14.04 3.38 10.29
C ILE A 199 15.29 3.11 11.15
N ARG A 200 16.08 2.10 10.76
CA ARG A 200 17.31 1.71 11.49
C ARG A 200 18.27 2.88 11.71
N TYR A 201 18.37 3.78 10.73
CA TYR A 201 19.31 4.90 10.80
C TYR A 201 18.65 6.26 11.01
N ASN A 202 17.32 6.25 11.16
CA ASN A 202 16.49 7.47 11.24
C ASN A 202 16.86 8.51 10.17
N ARG A 203 16.93 8.03 8.93
CA ARG A 203 17.31 8.86 7.80
C ARG A 203 16.22 8.81 6.73
N ARG A 204 15.61 9.96 6.47
CA ARG A 204 14.57 10.07 5.44
C ARG A 204 15.18 10.29 4.06
N SER A 205 14.56 9.67 3.06
CA SER A 205 14.98 9.78 1.68
C SER A 205 13.86 9.36 0.73
N ALA A 206 13.84 10.00 -0.43
CA ALA A 206 12.93 9.66 -1.50
C ALA A 206 13.25 8.26 -2.04
N PRO A 207 12.23 7.54 -2.56
CA PRO A 207 12.47 6.20 -3.11
C PRO A 207 13.27 6.25 -4.42
N ASP A 208 14.26 5.35 -4.52
CA ASP A 208 15.11 5.22 -5.70
C ASP A 208 14.38 4.49 -6.85
N PRO A 209 14.97 4.44 -8.07
CA PRO A 209 14.27 3.77 -9.18
C PRO A 209 13.89 2.30 -8.97
N SER A 210 14.64 1.55 -8.16
CA SER A 210 14.28 0.15 -7.87
C SER A 210 12.94 0.05 -7.16
N VAL A 211 12.69 0.98 -6.22
CA VAL A 211 11.41 1.07 -5.52
C VAL A 211 10.29 1.48 -6.47
N ILE A 212 10.50 2.57 -7.22
CA ILE A 212 9.49 3.11 -8.14
C ILE A 212 9.06 2.09 -9.20
N THR A 213 10.04 1.45 -9.84
CA THR A 213 9.74 0.48 -10.90
C THR A 213 9.05 -0.78 -10.37
N LEU A 214 9.39 -1.21 -9.16
CA LEU A 214 8.63 -2.30 -8.53
C LEU A 214 7.17 -1.91 -8.30
N GLU A 215 6.95 -0.73 -7.72
CA GLU A 215 5.59 -0.22 -7.48
C GLU A 215 4.77 -0.20 -8.77
N ASN A 216 5.38 0.36 -9.82
CA ASN A 216 4.70 0.49 -11.12
C ASN A 216 4.43 -0.84 -11.81
N SER A 217 5.22 -1.86 -11.46
CA SER A 217 5.19 -3.15 -12.15
C SER A 217 4.41 -4.25 -11.41
N TRP A 218 3.82 -3.93 -10.26
CA TRP A 218 3.17 -4.97 -9.43
C TRP A 218 2.10 -5.78 -10.16
N GLY A 219 1.23 -5.09 -10.89
CA GLY A 219 0.19 -5.75 -11.69
C GLY A 219 0.76 -6.66 -12.77
N ARG A 220 1.72 -6.10 -13.53
CA ARG A 220 2.39 -6.83 -14.61
C ARG A 220 3.19 -8.03 -14.10
N LEU A 221 3.91 -7.85 -12.99
CA LEU A 221 4.62 -8.94 -12.34
C LEU A 221 3.67 -10.04 -11.86
N SER A 222 2.57 -9.63 -11.23
CA SER A 222 1.55 -10.58 -10.77
C SER A 222 0.99 -11.40 -11.93
N THR A 223 0.65 -10.73 -13.03
CA THR A 223 0.12 -11.41 -14.21
C THR A 223 1.17 -12.33 -14.84
N ALA A 224 2.41 -11.85 -15.01
CA ALA A 224 3.47 -12.65 -15.61
C ALA A 224 3.74 -13.93 -14.83
N ILE A 225 3.78 -13.82 -13.50
CA ILE A 225 3.99 -14.99 -12.64
C ILE A 225 2.83 -15.99 -12.78
N GLN A 226 1.60 -15.47 -12.68
CA GLN A 226 0.41 -16.33 -12.71
C GLN A 226 0.15 -16.97 -14.07
N GLU A 227 0.56 -16.28 -15.15
CA GLU A 227 0.41 -16.80 -16.51
C GLU A 227 1.64 -17.54 -17.03
N SER A 228 2.68 -17.63 -16.19
CA SER A 228 3.95 -18.26 -16.58
C SER A 228 3.83 -19.74 -16.93
N ASN A 229 4.76 -20.22 -17.74
CA ASN A 229 4.88 -21.65 -18.00
C ASN A 229 5.89 -22.24 -17.04
N GLN A 230 5.38 -22.85 -15.96
CA GLN A 230 6.20 -23.46 -14.90
C GLN A 230 7.17 -22.45 -14.26
N GLY A 231 6.77 -21.18 -14.24
CA GLY A 231 7.59 -20.12 -13.69
C GLY A 231 8.28 -19.23 -14.73
N ALA A 232 8.35 -19.71 -15.97
CA ALA A 232 9.03 -18.99 -17.06
C ALA A 232 8.08 -17.99 -17.71
N PHE A 233 8.51 -16.72 -17.77
CA PHE A 233 7.74 -15.65 -18.40
C PHE A 233 7.76 -15.81 -19.92
N ALA A 234 6.63 -15.54 -20.56
CA ALA A 234 6.58 -15.49 -22.03
C ALA A 234 7.32 -14.27 -22.56
N SER A 235 7.15 -13.15 -21.85
CA SER A 235 7.80 -11.89 -22.17
C SER A 235 8.57 -11.43 -20.96
N PRO A 236 9.83 -10.96 -21.15
CA PRO A 236 10.57 -10.42 -20.00
C PRO A 236 9.97 -9.10 -19.50
N ILE A 237 10.16 -8.84 -18.21
CA ILE A 237 9.77 -7.55 -17.61
C ILE A 237 11.03 -6.80 -17.21
N GLN A 238 11.07 -5.53 -17.57
CA GLN A 238 12.21 -4.67 -17.26
C GLN A 238 11.97 -3.90 -15.97
N LEU A 239 12.88 -4.07 -15.03
CA LEU A 239 12.90 -3.29 -13.81
C LEU A 239 14.14 -2.42 -13.82
N GLN A 240 14.31 -1.61 -12.77
CA GLN A 240 15.51 -0.81 -12.61
C GLN A 240 16.20 -1.13 -11.29
N ARG A 241 17.52 -1.04 -11.30
CA ARG A 241 18.34 -1.14 -10.09
C ARG A 241 18.35 0.21 -9.38
N ARG A 242 18.92 0.24 -8.17
CA ARG A 242 19.05 1.46 -7.37
C ARG A 242 19.69 2.63 -8.12
N ASN A 243 20.68 2.32 -8.97
CA ASN A 243 21.36 3.32 -9.81
C ASN A 243 20.65 3.67 -11.12
N GLY A 244 19.47 3.07 -11.35
CA GLY A 244 18.66 3.35 -12.53
C GLY A 244 18.91 2.46 -13.74
N SER A 245 19.95 1.62 -13.66
CA SER A 245 20.27 0.67 -14.73
C SER A 245 19.22 -0.43 -14.84
N LYS A 246 19.03 -0.96 -16.06
CA LYS A 246 18.00 -1.95 -16.35
C LYS A 246 18.34 -3.35 -15.84
N PHE A 247 17.31 -4.02 -15.31
CA PHE A 247 17.39 -5.39 -14.83
C PHE A 247 16.24 -6.15 -15.49
N SER A 248 16.56 -7.23 -16.21
CA SER A 248 15.55 -8.03 -16.90
C SER A 248 15.10 -9.22 -16.07
N VAL A 249 13.78 -9.38 -15.94
CA VAL A 249 13.17 -10.50 -15.21
C VAL A 249 12.55 -11.48 -16.20
N TYR A 250 13.04 -12.72 -16.18
CA TYR A 250 12.58 -13.77 -17.10
C TYR A 250 11.80 -14.88 -16.40
N ASP A 251 11.83 -14.88 -15.06
CA ASP A 251 11.37 -16.02 -14.29
C ASP A 251 10.93 -15.58 -12.91
N VAL A 252 9.98 -16.33 -12.35
CA VAL A 252 9.50 -16.11 -10.99
C VAL A 252 10.60 -16.27 -9.93
N SER A 253 11.58 -17.14 -10.20
CA SER A 253 12.59 -17.52 -9.20
C SER A 253 13.27 -16.30 -8.58
N ILE A 254 13.66 -15.35 -9.42
CA ILE A 254 14.39 -14.16 -9.00
C ILE A 254 13.53 -13.22 -8.14
N LEU A 255 12.21 -13.36 -8.26
CA LEU A 255 11.25 -12.50 -7.57
C LEU A 255 10.79 -13.02 -6.21
N ILE A 256 11.07 -14.29 -5.90
CA ILE A 256 10.67 -14.87 -4.61
C ILE A 256 11.15 -14.04 -3.39
N PRO A 257 12.42 -13.56 -3.37
CA PRO A 257 12.84 -12.69 -2.26
C PRO A 257 12.34 -11.24 -2.32
N ILE A 258 11.69 -10.87 -3.43
CA ILE A 258 11.36 -9.47 -3.74
C ILE A 258 9.89 -9.18 -3.52
N ILE A 259 9.03 -10.05 -4.05
CA ILE A 259 7.59 -9.85 -3.98
CA ILE A 259 7.57 -9.89 -4.01
C ILE A 259 6.98 -10.77 -2.90
N ALA A 260 6.22 -10.15 -2.01
CA ALA A 260 5.59 -10.86 -0.89
C ALA A 260 4.16 -11.29 -1.16
N LEU A 261 3.44 -10.50 -1.94
CA LEU A 261 2.03 -10.75 -2.25
C LEU A 261 1.72 -10.36 -3.68
N MET A 262 0.86 -11.12 -4.34
CA MET A 262 0.37 -10.78 -5.68
C MET A 262 -1.13 -10.47 -5.68
N VAL A 263 -1.54 -9.60 -6.59
CA VAL A 263 -2.97 -9.39 -6.88
C VAL A 263 -3.45 -10.58 -7.72
N TYR A 264 -4.68 -11.04 -7.48
CA TYR A 264 -5.27 -12.13 -8.26
C TYR A 264 -5.47 -11.68 -9.71
N ARG A 265 -4.90 -12.43 -10.64
CA ARG A 265 -4.97 -12.07 -12.06
C ARG A 265 -5.60 -13.14 -12.94
N CYS A 266 -5.30 -14.40 -12.64
CA CYS A 266 -5.94 -15.54 -13.30
C CYS A 266 -6.01 -16.74 -12.36
N ALA A 267 -6.77 -17.76 -12.76
CA ALA A 267 -6.83 -19.04 -12.04
C ALA A 267 -5.51 -19.80 -12.18
N PRO A 268 -5.09 -20.54 -11.13
CA PRO A 268 -3.88 -21.37 -11.29
C PRO A 268 -4.14 -22.58 -12.19
N PRO A 269 -3.21 -22.88 -13.12
CA PRO A 269 -3.37 -24.05 -13.99
C PRO A 269 -3.22 -25.38 -13.22
N PRO A 270 -3.86 -26.46 -13.71
CA PRO A 270 -3.67 -27.78 -13.08
C PRO A 270 -2.22 -28.26 -13.18
N GLY B 2 0.26 2.53 -8.68
CA GLY B 2 0.80 2.89 -10.01
C GLY B 2 0.92 1.69 -10.95
N TYR B 3 0.28 0.57 -10.56
CA TYR B 3 0.29 -0.70 -11.31
C TYR B 3 -0.92 -0.81 -12.28
#